data_3FEH
#
_entry.id   3FEH
#
_cell.length_a   118.055
_cell.length_b   52.380
_cell.length_c   65.023
_cell.angle_alpha   90.000
_cell.angle_beta   106.450
_cell.angle_gamma   90.000
#
_symmetry.space_group_name_H-M   'C 1 2 1'
#
loop_
_entity.id
_entity.type
_entity.pdbx_description
1 polymer Centaurin-alpha-1
2 non-polymer 'ZINC ION'
3 non-polymer 'UNKNOWN ATOM OR ION'
4 water water
#
_entity_poly.entity_id   1
_entity_poly.type   'polypeptide(L)'
_entity_poly.pdbx_seq_one_letter_code
;MHHHHHHSSGRENLYFQGKERRRAVLELLQRPGNARCADCGAPDPDWASYTLGVFICLSCSGIHRNIPQVSKVKSVRLDA
WEEAQVEFMASHGNDAARARFESKVPSFYYRPTPSDCQLLREQWIRAKYERQEFIYPEKQEPYSAGYREGFLWKRGRDNG
QFLSRKFVLTEREGALKYFNRNDAKEPKAVMKIEHLNATFQPAKIGHPHGLQVTYLKDNSTRNIFIYHEDGKEIVDWFNA
LRAARFHYLQVAFPGASDADLVPKLSRNYLKEGYMEKTGPKQTEGFRKRWFTMDDRRLMYFKDPLDAFARGEVFIGSKES
GYTVLHGFPPSTQGHHWPHGITIVTPDRKFLFACETESDQREWVAAFQKAVDRPMLPQEYAVEAHF
;
_entity_poly.pdbx_strand_id   A
#
loop_
_chem_comp.id
_chem_comp.type
_chem_comp.name
_chem_comp.formula
UNX non-polymer 'UNKNOWN ATOM OR ION' ?
ZN non-polymer 'ZINC ION' 'Zn 2'
#
# COMPACT_ATOMS: atom_id res chain seq x y z
N ASN A 13 45.23 -25.22 10.98
CA ASN A 13 44.06 -25.80 11.69
C ASN A 13 42.82 -25.52 10.86
N LEU A 14 42.38 -26.56 10.15
CA LEU A 14 41.28 -26.43 9.15
C LEU A 14 39.95 -26.20 9.82
N TYR A 15 39.87 -26.61 11.05
CA TYR A 15 38.68 -26.37 11.83
C TYR A 15 38.58 -24.87 12.07
N PHE A 16 39.70 -24.33 12.49
CA PHE A 16 39.78 -22.88 12.72
C PHE A 16 39.53 -22.15 11.37
N GLN A 17 40.08 -22.70 10.28
CA GLN A 17 39.85 -22.11 8.95
C GLN A 17 38.37 -22.01 8.64
N GLY A 18 37.66 -23.11 8.88
CA GLY A 18 36.23 -23.18 8.52
C GLY A 18 35.41 -22.27 9.41
N LYS A 19 35.81 -22.26 10.66
CA LYS A 19 35.11 -21.48 11.69
C LYS A 19 35.20 -19.99 11.37
N GLU A 20 36.40 -19.58 10.96
CA GLU A 20 36.67 -18.18 10.64
C GLU A 20 35.85 -17.72 9.43
N ARG A 21 35.69 -18.61 8.45
CA ARG A 21 34.91 -18.26 7.27
C ARG A 21 33.45 -18.12 7.69
N ARG A 22 32.99 -19.03 8.53
CA ARG A 22 31.63 -18.94 9.03
C ARG A 22 31.40 -17.66 9.84
N ARG A 23 32.32 -17.30 10.70
CA ARG A 23 32.06 -16.13 11.53
C ARG A 23 32.26 -14.82 10.77
N ALA A 24 33.02 -14.90 9.68
CA ALA A 24 33.24 -13.74 8.80
C ALA A 24 31.93 -13.27 8.19
N VAL A 25 31.19 -14.22 7.64
CA VAL A 25 29.92 -13.95 6.90
C VAL A 25 28.80 -13.62 7.89
N LEU A 26 28.83 -14.26 9.04
CA LEU A 26 27.86 -13.93 10.12
C LEU A 26 28.08 -12.52 10.59
N GLU A 27 29.33 -12.13 10.66
CA GLU A 27 29.66 -10.79 11.15
C GLU A 27 29.18 -9.70 10.25
N LEU A 28 28.98 -10.07 8.99
CA LEU A 28 28.41 -9.12 8.03
C LEU A 28 26.96 -8.82 8.36
N LEU A 29 26.21 -9.86 8.71
CA LEU A 29 24.84 -9.68 9.23
C LEU A 29 24.82 -8.77 10.46
N GLN A 30 25.92 -8.78 11.14
CA GLN A 30 26.02 -8.06 12.43
C GLN A 30 26.53 -6.66 12.22
N ARG A 31 26.56 -6.25 10.94
CA ARG A 31 26.82 -4.83 10.65
C ARG A 31 25.45 -4.05 10.65
N PRO A 32 25.43 -2.83 11.19
CA PRO A 32 24.13 -2.14 11.32
C PRO A 32 23.45 -1.92 9.98
N GLY A 33 24.24 -1.75 8.94
CA GLY A 33 23.71 -1.47 7.60
C GLY A 33 22.93 -2.65 7.03
N ASN A 34 23.20 -3.80 7.61
CA ASN A 34 22.65 -5.07 7.19
C ASN A 34 21.61 -5.64 8.14
N ALA A 35 21.13 -4.79 9.03
CA ALA A 35 20.27 -5.23 10.17
C ALA A 35 18.79 -5.49 9.76
N ARG A 36 18.47 -5.06 8.56
CA ARG A 36 17.11 -5.16 8.00
C ARG A 36 17.19 -5.72 6.57
N CYS A 37 16.19 -6.49 6.16
CA CYS A 37 16.13 -6.94 4.78
C CYS A 37 16.31 -5.76 3.83
N ALA A 38 17.13 -5.98 2.81
CA ALA A 38 17.51 -4.90 1.87
C ALA A 38 16.26 -4.40 1.15
N ASP A 39 15.27 -5.27 1.06
CA ASP A 39 14.15 -4.97 0.14
C ASP A 39 12.91 -4.52 0.80
N CYS A 40 12.53 -5.22 1.87
CA CYS A 40 11.25 -4.90 2.58
C CYS A 40 11.45 -4.33 3.94
N GLY A 41 12.68 -4.43 4.42
CA GLY A 41 13.03 -3.80 5.68
C GLY A 41 12.79 -4.63 6.90
N ALA A 42 12.33 -5.87 6.71
CA ALA A 42 12.10 -6.77 7.85
C ALA A 42 13.42 -6.97 8.64
N PRO A 43 13.39 -6.83 9.97
CA PRO A 43 14.60 -7.10 10.70
C PRO A 43 15.12 -8.52 10.64
N ASP A 44 16.42 -8.55 10.85
CA ASP A 44 17.25 -9.74 11.01
C ASP A 44 17.22 -10.68 9.81
N PRO A 45 17.56 -10.18 8.62
CA PRO A 45 17.59 -11.08 7.48
C PRO A 45 18.61 -12.24 7.61
N ASP A 46 18.25 -13.37 7.02
CA ASP A 46 19.00 -14.61 7.24
C ASP A 46 19.55 -15.15 5.93
N TRP A 47 19.11 -14.54 4.88
CA TRP A 47 19.51 -14.93 3.52
C TRP A 47 20.31 -13.86 2.84
N ALA A 48 20.90 -14.27 1.74
CA ALA A 48 21.76 -13.38 0.93
C ALA A 48 21.67 -13.68 -0.54
N SER A 49 21.64 -12.62 -1.34
CA SER A 49 21.96 -12.72 -2.76
C SER A 49 23.41 -12.52 -2.88
N TYR A 50 24.11 -13.60 -3.22
CA TYR A 50 25.57 -13.52 -3.31
C TYR A 50 26.02 -12.95 -4.64
N THR A 51 25.06 -12.73 -5.52
CA THR A 51 25.34 -11.99 -6.75
C THR A 51 25.03 -10.50 -6.68
N LEU A 52 23.97 -10.15 -5.93
CA LEU A 52 23.63 -8.70 -5.70
C LEU A 52 24.30 -8.12 -4.48
N GLY A 53 24.79 -9.01 -3.63
CA GLY A 53 25.50 -8.56 -2.46
C GLY A 53 24.66 -7.94 -1.37
N VAL A 54 23.44 -8.45 -1.25
CA VAL A 54 22.47 -7.99 -0.22
C VAL A 54 21.97 -9.09 0.70
N PHE A 55 21.61 -8.62 1.88
CA PHE A 55 21.01 -9.47 2.90
C PHE A 55 19.52 -9.21 2.98
N ILE A 56 18.79 -10.30 2.94
CA ILE A 56 17.33 -10.30 2.71
C ILE A 56 16.60 -11.35 3.50
N CYS A 57 15.33 -11.12 3.67
CA CYS A 57 14.50 -12.05 4.44
C CYS A 57 14.15 -13.28 3.60
N LEU A 58 13.60 -14.26 4.29
CA LEU A 58 13.18 -15.53 3.66
C LEU A 58 12.24 -15.26 2.49
N SER A 59 11.24 -14.47 2.78
CA SER A 59 10.21 -14.11 1.79
C SER A 59 10.80 -13.44 0.57
N CYS A 60 11.65 -12.44 0.78
CA CYS A 60 12.26 -11.76 -0.38
C CYS A 60 13.23 -12.67 -1.15
N SER A 61 13.86 -13.59 -0.42
CA SER A 61 14.75 -14.57 -1.06
C SER A 61 13.98 -15.44 -2.03
N GLY A 62 12.71 -15.66 -1.74
CA GLY A 62 11.85 -16.51 -2.57
C GLY A 62 11.58 -15.85 -3.91
N ILE A 63 11.48 -14.53 -3.84
CA ILE A 63 11.22 -13.68 -5.02
C ILE A 63 12.49 -13.60 -5.83
N HIS A 64 13.58 -13.45 -5.11
CA HIS A 64 14.90 -13.37 -5.79
C HIS A 64 15.19 -14.61 -6.63
N ARG A 65 14.72 -15.75 -6.14
CA ARG A 65 14.94 -17.04 -6.82
C ARG A 65 14.26 -17.10 -8.16
N ASN A 66 13.27 -16.23 -8.32
CA ASN A 66 12.47 -16.18 -9.55
C ASN A 66 13.01 -15.21 -10.54
N ILE A 67 14.20 -14.70 -10.22
CA ILE A 67 14.99 -13.91 -11.19
C ILE A 67 16.40 -14.45 -11.22
N PRO A 68 16.55 -15.75 -11.54
CA PRO A 68 17.84 -16.42 -11.33
C PRO A 68 18.98 -15.89 -12.18
N GLN A 69 18.61 -15.23 -13.27
CA GLN A 69 19.61 -14.63 -14.16
C GLN A 69 20.17 -13.35 -13.56
N VAL A 70 19.59 -12.95 -12.42
CA VAL A 70 20.06 -11.76 -11.71
C VAL A 70 20.55 -12.07 -10.31
N SER A 71 19.75 -12.87 -9.62
CA SER A 71 20.03 -13.13 -8.20
C SER A 71 20.10 -14.60 -7.90
N LYS A 72 21.20 -14.94 -7.24
CA LYS A 72 21.43 -16.24 -6.64
C LYS A 72 21.54 -16.11 -5.12
N VAL A 73 20.79 -16.93 -4.44
CA VAL A 73 20.72 -16.88 -2.95
C VAL A 73 21.26 -18.10 -2.23
N LYS A 74 21.73 -17.83 -1.02
CA LYS A 74 22.15 -18.80 0.01
C LYS A 74 21.71 -18.32 1.37
N SER A 75 21.52 -19.27 2.24
CA SER A 75 21.41 -19.00 3.67
C SER A 75 22.77 -18.63 4.22
N VAL A 76 22.78 -17.62 5.07
CA VAL A 76 24.05 -17.08 5.63
C VAL A 76 24.64 -18.06 6.59
N ARG A 77 23.74 -18.72 7.31
CA ARG A 77 24.13 -19.64 8.39
C ARG A 77 24.21 -21.09 7.95
N LEU A 78 23.33 -21.46 7.04
CA LEU A 78 23.05 -22.90 6.77
C LEU A 78 23.58 -23.40 5.46
N ASP A 79 24.10 -22.50 4.65
CA ASP A 79 24.74 -22.88 3.39
C ASP A 79 26.25 -22.73 3.53
N ALA A 80 26.97 -23.50 2.71
CA ALA A 80 28.44 -23.34 2.56
C ALA A 80 28.77 -22.20 1.63
N TRP A 81 29.80 -21.49 2.04
CA TRP A 81 30.27 -20.30 1.37
C TRP A 81 31.71 -20.45 0.96
N GLU A 82 32.03 -19.87 -0.18
CA GLU A 82 33.41 -19.74 -0.64
C GLU A 82 33.99 -18.44 -0.15
N GLU A 83 35.30 -18.38 -0.03
CA GLU A 83 35.97 -17.17 0.48
C GLU A 83 35.56 -15.99 -0.36
N ALA A 84 35.59 -16.21 -1.65
CA ALA A 84 35.34 -15.11 -2.60
C ALA A 84 33.89 -14.59 -2.47
N GLN A 85 32.99 -15.49 -2.15
CA GLN A 85 31.58 -15.13 -1.98
C GLN A 85 31.43 -14.25 -0.73
N VAL A 86 32.12 -14.64 0.32
CA VAL A 86 32.06 -13.93 1.59
C VAL A 86 32.66 -12.58 1.32
N GLU A 87 33.78 -12.58 0.59
CA GLU A 87 34.48 -11.30 0.28
C GLU A 87 33.58 -10.33 -0.47
N PHE A 88 32.79 -10.88 -1.37
CA PHE A 88 31.87 -10.09 -2.20
C PHE A 88 30.76 -9.42 -1.38
N MET A 89 30.21 -10.18 -0.46
CA MET A 89 29.27 -9.61 0.53
C MET A 89 29.92 -8.49 1.33
N ALA A 90 31.18 -8.71 1.68
CA ALA A 90 31.91 -7.78 2.56
C ALA A 90 32.20 -6.48 1.83
N SER A 91 32.45 -6.58 0.54
CA SER A 91 32.70 -5.39 -0.26
C SER A 91 31.41 -4.77 -0.70
N HIS A 92 30.32 -5.49 -0.57
CA HIS A 92 29.02 -4.95 -0.98
C HIS A 92 28.12 -4.67 0.19
N GLY A 93 26.99 -5.36 0.22
CA GLY A 93 26.08 -5.24 1.35
C GLY A 93 24.91 -4.29 1.13
N ASN A 94 24.11 -4.09 2.16
CA ASN A 94 22.82 -3.35 1.99
C ASN A 94 23.06 -1.83 1.79
N ASP A 95 24.01 -1.26 2.52
CA ASP A 95 24.28 0.19 2.34
C ASP A 95 24.74 0.40 0.90
N ALA A 96 25.61 -0.49 0.45
CA ALA A 96 26.20 -0.37 -0.91
C ALA A 96 25.11 -0.46 -1.98
N ALA A 97 24.15 -1.33 -1.71
CA ALA A 97 23.02 -1.58 -2.63
C ALA A 97 22.08 -0.40 -2.70
N ARG A 98 21.91 0.26 -1.56
CA ARG A 98 21.14 1.52 -1.48
C ARG A 98 21.75 2.58 -2.36
N ALA A 99 23.05 2.71 -2.28
CA ALA A 99 23.78 3.72 -3.07
C ALA A 99 23.72 3.37 -4.56
N ARG A 100 23.76 2.08 -4.86
CA ARG A 100 23.81 1.60 -6.28
C ARG A 100 22.41 1.50 -6.87
N PHE A 101 21.54 0.77 -6.22
CA PHE A 101 20.23 0.40 -6.83
C PHE A 101 19.10 1.37 -6.49
N GLU A 102 19.28 2.13 -5.42
CA GLU A 102 18.27 3.11 -5.02
C GLU A 102 18.81 4.52 -5.10
N SER A 103 19.72 4.74 -6.04
CA SER A 103 20.35 6.06 -6.15
C SER A 103 19.37 7.13 -6.58
N LYS A 104 18.53 6.79 -7.53
CA LYS A 104 17.59 7.73 -8.12
C LYS A 104 16.13 7.29 -8.01
N VAL A 105 15.71 7.03 -6.79
CA VAL A 105 14.33 6.69 -6.53
C VAL A 105 13.56 8.01 -6.29
N PRO A 106 12.55 8.30 -7.12
CA PRO A 106 11.77 9.52 -6.90
C PRO A 106 11.04 9.53 -5.58
N SER A 107 10.88 10.72 -5.02
CA SER A 107 10.40 10.81 -3.63
C SER A 107 8.98 10.24 -3.48
N PHE A 108 8.26 10.25 -4.60
CA PHE A 108 6.85 9.84 -4.66
C PHE A 108 6.71 8.33 -4.79
N TYR A 109 7.83 7.67 -5.05
CA TYR A 109 7.80 6.26 -5.44
C TYR A 109 7.52 5.40 -4.18
N TYR A 110 6.51 4.53 -4.26
CA TYR A 110 6.09 3.76 -3.07
C TYR A 110 7.12 2.67 -2.77
N ARG A 111 7.52 2.64 -1.52
CA ARG A 111 8.44 1.63 -1.04
C ARG A 111 7.76 0.61 -0.14
N PRO A 112 7.82 -0.68 -0.53
CA PRO A 112 7.04 -1.67 0.16
C PRO A 112 7.54 -2.06 1.53
N THR A 113 6.57 -2.46 2.31
CA THR A 113 6.79 -2.99 3.66
C THR A 113 6.46 -4.47 3.69
N PRO A 114 6.85 -5.17 4.77
CA PRO A 114 6.62 -6.60 4.74
C PRO A 114 5.15 -7.00 4.71
N SER A 115 4.27 -6.13 5.14
CA SER A 115 2.83 -6.46 5.12
C SER A 115 2.14 -6.12 3.78
N ASP A 116 2.91 -5.59 2.85
CA ASP A 116 2.35 -5.31 1.51
C ASP A 116 2.09 -6.58 0.77
N CYS A 117 1.24 -6.46 -0.23
CA CYS A 117 0.89 -7.61 -1.08
C CYS A 117 2.08 -7.99 -1.91
N GLN A 118 2.00 -9.21 -2.43
CA GLN A 118 3.14 -9.79 -3.11
C GLN A 118 3.56 -8.99 -4.31
N LEU A 119 2.58 -8.43 -4.96
CA LEU A 119 2.84 -7.70 -6.23
C LEU A 119 3.84 -6.58 -5.92
N LEU A 120 3.60 -5.91 -4.81
CA LEU A 120 4.37 -4.68 -4.55
C LEU A 120 5.78 -5.05 -4.16
N ARG A 121 5.88 -6.13 -3.38
CA ARG A 121 7.18 -6.63 -2.92
C ARG A 121 7.98 -7.18 -4.08
N GLU A 122 7.30 -7.88 -4.95
CA GLU A 122 7.97 -8.45 -6.15
C GLU A 122 8.47 -7.40 -7.14
N GLN A 123 7.59 -6.46 -7.46
CA GLN A 123 7.87 -5.38 -8.41
C GLN A 123 8.95 -4.46 -7.96
N TRP A 124 9.06 -4.31 -6.64
CA TRP A 124 10.13 -3.47 -6.02
C TRP A 124 11.53 -4.08 -6.28
N ILE A 125 11.59 -5.37 -6.05
CA ILE A 125 12.80 -6.17 -6.27
C ILE A 125 13.17 -6.14 -7.78
N ARG A 126 12.17 -6.30 -8.61
CA ARG A 126 12.38 -6.33 -10.09
C ARG A 126 12.81 -4.98 -10.59
N ALA A 127 12.14 -3.93 -10.08
CA ALA A 127 12.45 -2.54 -10.49
C ALA A 127 13.89 -2.17 -10.13
N LYS A 128 14.29 -2.56 -8.95
CA LYS A 128 15.63 -2.23 -8.45
C LYS A 128 16.72 -2.99 -9.19
N TYR A 129 16.54 -4.28 -9.28
CA TYR A 129 17.66 -5.15 -9.62
C TYR A 129 17.63 -5.73 -11.02
N GLU A 130 16.43 -5.84 -11.58
CA GLU A 130 16.27 -6.47 -12.90
C GLU A 130 16.23 -5.42 -13.96
N ARG A 131 15.23 -4.58 -13.84
CA ARG A 131 14.99 -3.43 -14.74
C ARG A 131 15.90 -2.28 -14.43
N GLN A 132 16.36 -2.21 -13.20
CA GLN A 132 17.34 -1.18 -12.78
C GLN A 132 16.88 0.25 -13.03
N GLU A 133 15.63 0.46 -12.65
CA GLU A 133 14.90 1.71 -12.93
C GLU A 133 15.50 2.91 -12.24
N PHE A 134 16.23 2.68 -11.16
CA PHE A 134 16.72 3.76 -10.29
C PHE A 134 18.21 4.00 -10.45
N ILE A 135 18.77 3.25 -11.40
CA ILE A 135 20.12 3.44 -11.95
C ILE A 135 20.03 4.20 -13.28
N TYR A 136 19.05 3.82 -14.07
CA TYR A 136 18.76 4.48 -15.35
C TYR A 136 17.41 5.23 -15.38
N PRO A 137 17.44 6.54 -15.12
CA PRO A 137 16.19 7.22 -14.79
C PRO A 137 15.26 7.46 -15.98
N GLU A 138 15.77 7.21 -17.19
CA GLU A 138 14.92 7.36 -18.38
C GLU A 138 13.85 6.28 -18.29
N LYS A 139 14.14 5.28 -17.47
CA LYS A 139 13.26 4.12 -17.29
C LYS A 139 12.05 4.47 -16.41
N GLN A 140 12.17 5.63 -15.80
CA GLN A 140 11.15 6.18 -14.85
C GLN A 140 10.04 6.96 -15.56
N GLU A 141 10.19 7.11 -16.86
CA GLU A 141 9.23 7.93 -17.62
C GLU A 141 7.76 7.49 -17.49
N PRO A 142 7.47 6.17 -17.43
CA PRO A 142 6.04 5.77 -17.27
C PRO A 142 5.32 6.43 -16.13
N TYR A 143 6.04 6.67 -15.06
CA TYR A 143 5.41 7.20 -13.83
C TYR A 143 5.85 8.58 -13.45
N SER A 144 6.70 9.13 -14.27
CA SER A 144 7.32 10.43 -14.00
C SER A 144 6.93 11.57 -14.94
N ALA A 145 6.30 11.24 -16.07
CA ALA A 145 6.04 12.23 -17.17
C ALA A 145 4.83 13.17 -16.99
N GLY A 146 3.99 12.85 -16.01
CA GLY A 146 2.80 13.63 -15.75
C GLY A 146 1.72 13.32 -16.75
N TYR A 147 2.00 12.32 -17.56
CA TYR A 147 1.01 11.81 -18.52
C TYR A 147 1.19 10.33 -18.77
N ARG A 148 0.09 9.59 -18.67
CA ARG A 148 0.10 8.15 -18.87
C ARG A 148 -1.23 7.71 -19.39
N GLU A 149 -1.15 6.91 -20.42
CA GLU A 149 -2.37 6.28 -20.93
C GLU A 149 -2.14 4.84 -21.29
N GLY A 150 -3.21 4.10 -21.16
CA GLY A 150 -3.21 2.70 -21.49
C GLY A 150 -4.53 2.06 -21.12
N PHE A 151 -4.66 0.79 -21.46
CA PHE A 151 -5.87 0.01 -21.17
C PHE A 151 -5.79 -0.72 -19.86
N LEU A 152 -6.92 -0.73 -19.18
CA LEU A 152 -7.07 -1.51 -17.95
C LEU A 152 -8.42 -2.16 -17.86
N TRP A 153 -8.41 -3.24 -17.10
CA TRP A 153 -9.62 -3.97 -16.76
C TRP A 153 -10.23 -3.31 -15.58
N LYS A 154 -11.48 -2.94 -15.78
CA LYS A 154 -12.31 -2.23 -14.81
C LYS A 154 -13.56 -3.01 -14.51
N ARG A 155 -13.77 -3.18 -13.21
CA ARG A 155 -14.96 -3.88 -12.72
C ARG A 155 -16.18 -3.08 -13.04
N GLY A 156 -17.19 -3.76 -13.50
CA GLY A 156 -18.49 -3.13 -13.79
C GLY A 156 -19.06 -2.49 -12.55
N ARG A 157 -19.83 -1.44 -12.76
CA ARG A 157 -20.40 -0.64 -11.65
C ARG A 157 -21.30 -1.48 -10.77
N ASP A 158 -22.22 -2.14 -11.46
CA ASP A 158 -23.29 -2.91 -10.83
C ASP A 158 -23.11 -4.39 -11.11
N ASN A 159 -22.02 -4.76 -11.74
CA ASN A 159 -21.73 -6.18 -11.87
C ASN A 159 -20.26 -6.52 -11.74
N GLY A 160 -20.05 -7.81 -11.64
CA GLY A 160 -18.76 -8.43 -11.33
C GLY A 160 -17.85 -8.65 -12.52
N GLN A 161 -18.32 -8.25 -13.67
CA GLN A 161 -17.54 -8.45 -14.90
C GLN A 161 -16.62 -7.27 -15.15
N PHE A 162 -15.44 -7.62 -15.62
CA PHE A 162 -14.42 -6.61 -15.97
C PHE A 162 -14.47 -6.39 -17.43
N LEU A 163 -14.30 -5.12 -17.76
CA LEU A 163 -14.21 -4.65 -19.14
C LEU A 163 -12.94 -3.85 -19.34
N SER A 164 -12.34 -4.07 -20.49
CA SER A 164 -11.08 -3.42 -20.90
C SER A 164 -11.40 -2.03 -21.42
N ARG A 165 -10.78 -1.04 -20.79
CA ARG A 165 -11.06 0.40 -21.05
C ARG A 165 -9.81 1.22 -21.09
N LYS A 166 -9.84 2.25 -21.89
CA LYS A 166 -8.73 3.19 -21.97
C LYS A 166 -8.79 4.16 -20.80
N PHE A 167 -7.64 4.28 -20.11
CA PHE A 167 -7.43 5.23 -19.01
C PHE A 167 -6.34 6.20 -19.43
N VAL A 168 -6.53 7.42 -18.97
CA VAL A 168 -5.56 8.51 -19.12
C VAL A 168 -5.39 9.28 -17.81
N LEU A 169 -4.16 9.33 -17.36
CA LEU A 169 -3.81 10.19 -16.22
C LEU A 169 -3.05 11.37 -16.76
N THR A 170 -3.59 12.55 -16.52
CA THR A 170 -3.04 13.81 -17.03
C THR A 170 -2.96 14.89 -15.96
N GLU A 171 -1.73 15.18 -15.58
CA GLU A 171 -1.45 16.15 -14.54
C GLU A 171 -1.91 17.53 -14.94
N ARG A 172 -1.82 17.79 -16.23
CA ARG A 172 -2.20 19.08 -16.81
C ARG A 172 -3.64 19.39 -16.50
N GLU A 173 -4.47 18.34 -16.46
CA GLU A 173 -5.88 18.50 -16.17
C GLU A 173 -6.27 18.08 -14.77
N GLY A 174 -5.28 17.65 -14.02
CA GLY A 174 -5.46 17.26 -12.61
C GLY A 174 -6.39 16.08 -12.43
N ALA A 175 -6.37 15.14 -13.36
CA ALA A 175 -7.36 14.05 -13.37
C ALA A 175 -6.94 12.76 -14.04
N LEU A 176 -7.57 11.72 -13.51
CA LEU A 176 -7.62 10.43 -14.15
C LEU A 176 -8.97 10.29 -14.82
N LYS A 177 -8.89 9.83 -16.06
CA LYS A 177 -10.06 9.63 -16.84
C LYS A 177 -10.05 8.26 -17.48
N TYR A 178 -11.25 7.71 -17.66
CA TYR A 178 -11.44 6.59 -18.60
C TYR A 178 -12.53 6.85 -19.60
N PHE A 179 -12.53 5.98 -20.59
CA PHE A 179 -13.33 6.15 -21.80
C PHE A 179 -14.21 4.95 -22.03
N ASN A 180 -15.27 5.16 -22.79
CA ASN A 180 -16.17 4.05 -23.20
C ASN A 180 -15.43 3.16 -24.15
N ARG A 181 -15.99 1.97 -24.30
CA ARG A 181 -15.54 0.99 -25.30
C ARG A 181 -16.12 1.35 -26.67
N ASN A 182 -15.70 2.53 -27.11
CA ASN A 182 -16.06 3.08 -28.44
C ASN A 182 -15.12 4.19 -28.90
N ASP A 183 -15.54 4.88 -29.96
CA ASP A 183 -14.67 5.86 -30.67
C ASP A 183 -14.69 7.24 -30.03
N ALA A 184 -15.72 7.46 -29.21
CA ALA A 184 -16.00 8.79 -28.57
C ALA A 184 -14.77 9.48 -28.00
N LYS A 185 -14.73 10.78 -28.20
CA LYS A 185 -13.59 11.62 -27.80
C LYS A 185 -13.71 12.07 -26.35
N GLU A 186 -14.92 11.97 -25.82
CA GLU A 186 -15.21 12.48 -24.46
C GLU A 186 -15.21 11.37 -23.42
N PRO A 187 -14.62 11.61 -22.23
CA PRO A 187 -14.46 10.52 -21.30
C PRO A 187 -15.73 10.07 -20.66
N LYS A 188 -15.69 8.84 -20.21
CA LYS A 188 -16.80 8.23 -19.46
C LYS A 188 -16.84 8.84 -18.06
N ALA A 189 -15.66 8.97 -17.46
CA ALA A 189 -15.53 9.58 -16.14
C ALA A 189 -14.22 10.31 -15.95
N VAL A 190 -14.33 11.39 -15.18
CA VAL A 190 -13.19 12.17 -14.80
C VAL A 190 -13.07 12.19 -13.31
N MET A 191 -11.90 11.77 -12.87
CA MET A 191 -11.59 11.63 -11.45
C MET A 191 -10.50 12.57 -11.04
N LYS A 192 -10.86 13.55 -10.22
CA LYS A 192 -9.91 14.63 -9.88
C LYS A 192 -8.89 14.13 -8.86
N ILE A 193 -7.66 14.60 -9.02
CA ILE A 193 -6.50 14.08 -8.27
C ILE A 193 -6.53 14.51 -6.81
N GLU A 194 -7.20 15.62 -6.57
CA GLU A 194 -7.16 16.28 -5.26
C GLU A 194 -7.64 15.39 -4.14
N HIS A 195 -8.56 14.52 -4.45
CA HIS A 195 -9.12 13.63 -3.42
C HIS A 195 -9.10 12.18 -3.81
N LEU A 196 -8.21 11.86 -4.76
CA LEU A 196 -7.98 10.46 -5.21
C LEU A 196 -7.03 9.71 -4.30
N ASN A 197 -7.51 8.57 -3.86
CA ASN A 197 -6.75 7.61 -3.08
C ASN A 197 -6.70 6.21 -3.67
N ALA A 198 -5.50 5.85 -4.09
CA ALA A 198 -5.24 4.53 -4.70
C ALA A 198 -4.51 3.62 -3.74
N THR A 199 -5.17 2.50 -3.51
CA THR A 199 -4.59 1.44 -2.72
C THR A 199 -4.73 0.11 -3.43
N PHE A 200 -3.72 -0.71 -3.27
CA PHE A 200 -3.83 -2.07 -3.78
C PHE A 200 -4.77 -2.90 -2.90
N GLN A 201 -5.72 -3.56 -3.54
CA GLN A 201 -6.71 -4.40 -2.82
C GLN A 201 -6.97 -5.75 -3.48
N PRO A 202 -5.95 -6.61 -3.54
CA PRO A 202 -6.09 -7.83 -4.36
C PRO A 202 -7.10 -8.82 -3.79
N ALA A 203 -7.13 -8.91 -2.46
CA ALA A 203 -8.04 -9.83 -1.79
C ALA A 203 -9.45 -9.43 -2.12
N LYS A 204 -9.72 -8.16 -1.89
CA LYS A 204 -11.05 -7.60 -2.10
C LYS A 204 -11.52 -7.64 -3.54
N ILE A 205 -10.61 -7.34 -4.45
CA ILE A 205 -10.95 -7.18 -5.89
C ILE A 205 -11.00 -8.54 -6.59
N GLY A 206 -10.28 -9.47 -6.00
CA GLY A 206 -10.21 -10.87 -6.45
C GLY A 206 -9.26 -11.06 -7.61
N HIS A 207 -8.31 -10.15 -7.70
CA HIS A 207 -7.21 -10.28 -8.63
C HIS A 207 -5.92 -9.81 -7.95
N PRO A 208 -4.82 -10.52 -8.17
CA PRO A 208 -3.57 -10.24 -7.47
C PRO A 208 -2.97 -8.87 -7.81
N HIS A 209 -3.50 -8.28 -8.85
CA HIS A 209 -3.03 -6.96 -9.34
C HIS A 209 -4.11 -5.90 -9.18
N GLY A 210 -5.09 -6.23 -8.36
CA GLY A 210 -6.24 -5.38 -8.15
C GLY A 210 -5.92 -4.11 -7.43
N LEU A 211 -6.18 -3.00 -8.13
CA LEU A 211 -6.05 -1.62 -7.59
C LEU A 211 -7.41 -0.95 -7.42
N GLN A 212 -7.63 -0.46 -6.21
CA GLN A 212 -8.79 0.38 -5.88
C GLN A 212 -8.41 1.85 -5.99
N VAL A 213 -9.25 2.57 -6.71
CA VAL A 213 -9.17 4.01 -6.80
C VAL A 213 -10.45 4.67 -6.24
N THR A 214 -10.24 5.43 -5.20
CA THR A 214 -11.35 6.05 -4.49
C THR A 214 -11.16 7.55 -4.53
N TYR A 215 -12.25 8.20 -4.88
CA TYR A 215 -12.24 9.63 -5.19
C TYR A 215 -13.55 10.31 -4.84
N LEU A 216 -13.46 11.62 -4.87
CA LEU A 216 -14.57 12.52 -4.55
CA LEU A 216 -14.58 12.53 -4.56
C LEU A 216 -15.17 13.10 -5.84
N LYS A 217 -16.45 12.88 -6.00
CA LYS A 217 -17.24 13.44 -7.11
C LYS A 217 -18.59 13.92 -6.63
N ASP A 218 -18.81 15.21 -6.80
CA ASP A 218 -20.09 15.85 -6.49
C ASP A 218 -20.38 15.68 -5.03
N ASN A 219 -19.31 15.95 -4.29
CA ASN A 219 -19.26 15.85 -2.83
C ASN A 219 -19.72 14.50 -2.28
N SER A 220 -19.49 13.47 -3.07
CA SER A 220 -19.66 12.08 -2.59
C SER A 220 -18.47 11.24 -3.00
N THR A 221 -18.22 10.22 -2.19
CA THR A 221 -17.11 9.27 -2.38
C THR A 221 -17.51 8.13 -3.27
N ARG A 222 -16.63 7.89 -4.23
CA ARG A 222 -16.77 6.85 -5.24
C ARG A 222 -15.56 5.95 -5.36
N ASN A 223 -15.83 4.72 -5.76
CA ASN A 223 -14.77 3.68 -5.99
C ASN A 223 -14.82 3.11 -7.38
N ILE A 224 -13.65 2.92 -7.94
CA ILE A 224 -13.44 1.99 -9.06
C ILE A 224 -12.41 0.95 -8.67
N PHE A 225 -12.52 -0.17 -9.39
CA PHE A 225 -11.67 -1.35 -9.20
C PHE A 225 -11.14 -1.84 -10.53
N ILE A 226 -9.82 -1.80 -10.63
CA ILE A 226 -9.09 -2.02 -11.86
C ILE A 226 -7.88 -2.89 -11.69
N TYR A 227 -7.47 -3.50 -12.78
CA TYR A 227 -6.20 -4.24 -12.77
C TYR A 227 -5.64 -4.34 -14.14
N HIS A 228 -4.35 -4.65 -14.17
CA HIS A 228 -3.63 -5.05 -15.38
C HIS A 228 -3.06 -6.42 -15.19
N GLU A 229 -3.04 -7.17 -16.29
CA GLU A 229 -2.41 -8.51 -16.39
C GLU A 229 -0.96 -8.50 -15.96
N ASP A 230 -0.26 -7.43 -16.32
CA ASP A 230 1.18 -7.27 -16.06
C ASP A 230 1.39 -6.49 -14.78
N GLY A 231 2.13 -7.10 -13.86
CA GLY A 231 2.48 -6.48 -12.56
C GLY A 231 3.17 -5.13 -12.70
N LYS A 232 4.05 -5.03 -13.68
CA LYS A 232 4.82 -3.80 -13.87
C LYS A 232 3.88 -2.67 -14.27
N GLU A 233 2.94 -2.98 -15.13
CA GLU A 233 2.05 -1.95 -15.69
C GLU A 233 1.17 -1.34 -14.60
N ILE A 234 0.61 -2.20 -13.76
CA ILE A 234 -0.30 -1.70 -12.70
C ILE A 234 0.47 -0.89 -11.69
N VAL A 235 1.68 -1.34 -11.40
CA VAL A 235 2.52 -0.67 -10.35
C VAL A 235 3.00 0.68 -10.93
N ASP A 236 3.22 0.71 -12.22
CA ASP A 236 3.53 2.00 -12.92
C ASP A 236 2.36 3.00 -12.83
N TRP A 237 1.16 2.46 -12.94
CA TRP A 237 -0.06 3.26 -12.82
C TRP A 237 -0.16 3.87 -11.43
N PHE A 238 0.15 3.03 -10.48
CA PHE A 238 0.05 3.34 -9.03
C PHE A 238 1.02 4.46 -8.68
N ASN A 239 2.23 4.26 -9.14
CA ASN A 239 3.29 5.27 -8.91
C ASN A 239 3.08 6.55 -9.70
N ALA A 240 2.46 6.42 -10.88
CA ALA A 240 2.10 7.60 -11.68
C ALA A 240 1.07 8.41 -10.89
N LEU A 241 0.14 7.69 -10.29
CA LEU A 241 -0.95 8.32 -9.53
C LEU A 241 -0.36 9.04 -8.33
N ARG A 242 0.61 8.40 -7.70
CA ARG A 242 1.33 9.00 -6.53
C ARG A 242 2.07 10.28 -6.99
N ALA A 243 2.66 10.21 -8.17
CA ALA A 243 3.43 11.36 -8.73
C ALA A 243 2.51 12.56 -8.85
N ALA A 244 1.33 12.26 -9.33
CA ALA A 244 0.32 13.31 -9.62
C ALA A 244 -0.13 13.90 -8.29
N ARG A 245 -0.38 13.03 -7.35
CA ARG A 245 -0.79 13.46 -5.99
C ARG A 245 0.26 14.38 -5.36
N PHE A 246 1.51 14.00 -5.57
CA PHE A 246 2.67 14.68 -4.96
C PHE A 246 2.80 16.10 -5.53
N HIS A 247 2.66 16.16 -6.83
CA HIS A 247 2.84 17.42 -7.53
C HIS A 247 1.69 18.33 -7.17
N TYR A 248 0.52 17.74 -6.94
CA TYR A 248 -0.65 18.47 -6.47
C TYR A 248 -0.43 19.07 -5.07
N LEU A 249 0.05 18.24 -4.18
CA LEU A 249 0.21 18.61 -2.76
C LEU A 249 1.29 19.67 -2.59
N GLN A 250 2.31 19.55 -3.40
CA GLN A 250 3.39 20.54 -3.43
C GLN A 250 2.85 21.93 -3.72
N VAL A 251 1.88 21.99 -4.64
CA VAL A 251 1.25 23.27 -4.99
C VAL A 251 0.34 23.75 -3.87
N ALA A 252 -0.39 22.81 -3.31
CA ALA A 252 -1.43 23.08 -2.34
C ALA A 252 -0.84 23.49 -1.01
N PHE A 253 0.36 23.01 -0.77
CA PHE A 253 1.00 23.16 0.53
C PHE A 253 2.41 23.74 0.42
N PRO A 254 2.51 24.96 -0.08
CA PRO A 254 3.85 25.57 -0.18
C PRO A 254 4.59 25.61 1.16
N GLY A 255 5.84 25.24 1.06
CA GLY A 255 6.76 25.17 2.21
C GLY A 255 6.75 23.84 2.97
N ALA A 256 5.86 22.95 2.57
CA ALA A 256 5.82 21.58 3.14
C ALA A 256 6.98 20.77 2.55
N SER A 257 7.67 20.05 3.43
CA SER A 257 8.80 19.21 3.02
C SER A 257 8.28 17.99 2.32
N ASP A 258 9.16 17.30 1.60
CA ASP A 258 8.83 16.01 0.97
C ASP A 258 8.25 15.03 1.95
N ALA A 259 8.91 14.96 3.10
CA ALA A 259 8.50 14.04 4.20
C ALA A 259 7.13 14.37 4.76
N ASP A 260 6.80 15.65 4.77
CA ASP A 260 5.45 16.11 5.15
C ASP A 260 4.41 15.47 4.24
N LEU A 261 4.73 15.45 2.96
CA LEU A 261 3.74 15.12 1.88
C LEU A 261 3.63 13.65 1.52
N VAL A 262 4.78 13.00 1.50
CA VAL A 262 4.85 11.63 1.01
C VAL A 262 3.86 10.65 1.69
N PRO A 263 3.67 10.77 3.01
CA PRO A 263 2.72 9.87 3.66
C PRO A 263 1.30 10.11 3.25
N LYS A 264 1.05 11.23 2.59
CA LYS A 264 -0.31 11.62 2.17
C LYS A 264 -0.69 11.21 0.74
N LEU A 265 0.27 10.64 0.03
CA LEU A 265 0.04 10.41 -1.43
C LEU A 265 -1.07 9.43 -1.58
N SER A 266 -0.91 8.33 -0.88
CA SER A 266 -1.96 7.35 -0.66
C SER A 266 -1.97 6.80 0.76
N ARG A 267 -3.14 6.35 1.14
CA ARG A 267 -3.43 5.89 2.49
C ARG A 267 -4.17 4.59 2.50
N ASN A 268 -3.49 3.61 3.07
CA ASN A 268 -4.15 2.34 3.35
C ASN A 268 -5.22 2.61 4.41
N TYR A 269 -6.28 1.85 4.32
CA TYR A 269 -7.41 1.97 5.25
C TYR A 269 -7.06 1.34 6.61
N LEU A 270 -7.41 2.04 7.67
CA LEU A 270 -7.09 1.59 9.05
C LEU A 270 -7.72 0.25 9.34
N LYS A 271 -8.96 0.15 8.90
CA LYS A 271 -9.75 -1.06 9.03
C LYS A 271 -10.92 -1.03 8.08
N GLU A 272 -11.25 -2.21 7.57
CA GLU A 272 -12.45 -2.39 6.77
C GLU A 272 -13.17 -3.66 7.15
N GLY A 273 -14.48 -3.62 7.04
CA GLY A 273 -15.28 -4.79 7.33
C GLY A 273 -16.72 -4.49 7.58
N TYR A 274 -17.47 -5.56 7.71
CA TYR A 274 -18.91 -5.51 8.05
C TYR A 274 -19.16 -5.23 9.52
N MET A 275 -20.04 -4.27 9.70
CA MET A 275 -20.62 -3.88 11.00
C MET A 275 -22.07 -3.54 10.76
N GLU A 276 -22.84 -3.61 11.80
CA GLU A 276 -24.22 -3.10 11.76
C GLU A 276 -24.29 -1.71 12.29
N LYS A 277 -25.15 -0.94 11.66
CA LYS A 277 -25.42 0.43 12.07
C LYS A 277 -26.89 0.67 12.24
N THR A 278 -27.14 1.50 13.23
CA THR A 278 -28.40 2.20 13.40
C THR A 278 -28.29 3.44 12.49
N GLY A 285 -33.69 0.42 13.75
CA GLY A 285 -33.14 -0.91 13.56
C GLY A 285 -31.71 -0.88 13.08
N PHE A 286 -31.07 -2.03 13.21
CA PHE A 286 -29.66 -2.19 12.83
C PHE A 286 -29.56 -2.88 11.52
N ARG A 287 -28.65 -2.39 10.71
CA ARG A 287 -28.43 -2.97 9.39
C ARG A 287 -26.95 -3.06 9.05
N LYS A 288 -26.62 -4.22 8.48
CA LYS A 288 -25.24 -4.59 8.14
C LYS A 288 -24.78 -3.75 6.97
N ARG A 289 -23.64 -3.11 7.16
CA ARG A 289 -22.96 -2.33 6.11
C ARG A 289 -21.49 -2.64 6.12
N TRP A 290 -20.85 -2.33 5.01
CA TRP A 290 -19.42 -2.53 4.91
C TRP A 290 -18.82 -1.20 5.27
N PHE A 291 -18.01 -1.21 6.31
CA PHE A 291 -17.36 0.00 6.79
C PHE A 291 -15.88 0.06 6.43
N THR A 292 -15.46 1.28 6.21
CA THR A 292 -14.09 1.64 5.83
C THR A 292 -13.63 2.88 6.59
N MET A 293 -12.61 2.67 7.40
CA MET A 293 -11.99 3.78 8.14
C MET A 293 -10.82 4.38 7.37
N ASP A 294 -11.04 5.57 6.84
CA ASP A 294 -10.02 6.32 6.10
C ASP A 294 -9.59 7.53 6.87
N ASP A 295 -8.44 7.38 7.51
CA ASP A 295 -7.93 8.38 8.44
C ASP A 295 -8.99 8.72 9.50
N ARG A 296 -9.63 9.85 9.33
CA ARG A 296 -10.61 10.34 10.31
C ARG A 296 -12.03 10.10 9.82
N ARG A 297 -12.11 9.60 8.60
CA ARG A 297 -13.40 9.38 7.91
C ARG A 297 -13.88 7.95 7.88
N LEU A 298 -14.96 7.69 8.60
CA LEU A 298 -15.59 6.36 8.65
C LEU A 298 -16.69 6.29 7.62
N MET A 299 -16.42 5.58 6.54
CA MET A 299 -17.33 5.50 5.40
C MET A 299 -18.06 4.19 5.47
N TYR A 300 -19.28 4.17 4.98
CA TYR A 300 -19.94 2.89 4.73
C TYR A 300 -20.60 2.74 3.38
N PHE A 301 -20.76 1.47 3.06
CA PHE A 301 -21.18 0.98 1.76
C PHE A 301 -22.10 -0.19 1.96
N LYS A 302 -22.79 -0.63 0.93
CA LYS A 302 -23.65 -1.81 1.08
C LYS A 302 -22.80 -3.06 1.08
N ASP A 303 -21.80 -3.00 0.24
CA ASP A 303 -20.86 -4.10 0.05
CA ASP A 303 -20.83 -4.10 0.08
C ASP A 303 -19.46 -3.55 -0.31
N PRO A 304 -18.40 -4.37 -0.15
CA PRO A 304 -17.04 -3.82 -0.41
C PRO A 304 -16.78 -3.30 -1.83
N LEU A 305 -17.54 -3.83 -2.78
CA LEU A 305 -17.33 -3.49 -4.21
C LEU A 305 -18.38 -2.49 -4.71
N ASP A 306 -19.03 -1.85 -3.75
CA ASP A 306 -20.01 -0.74 -4.01
C ASP A 306 -19.28 0.43 -4.71
N ALA A 307 -19.95 1.04 -5.66
CA ALA A 307 -19.34 2.12 -6.46
C ALA A 307 -19.41 3.43 -5.75
N PHE A 308 -20.22 3.48 -4.72
CA PHE A 308 -20.44 4.73 -3.98
C PHE A 308 -20.67 4.56 -2.47
N ALA A 309 -20.13 5.51 -1.75
CA ALA A 309 -20.35 5.61 -0.27
C ALA A 309 -21.80 5.95 0.01
N ARG A 310 -22.42 5.20 0.89
CA ARG A 310 -23.82 5.46 1.29
C ARG A 310 -23.88 6.46 2.40
N GLY A 311 -22.74 6.69 2.99
CA GLY A 311 -22.61 7.68 4.06
C GLY A 311 -21.29 7.69 4.76
N GLU A 312 -21.19 8.55 5.74
CA GLU A 312 -19.92 8.80 6.38
C GLU A 312 -20.02 9.51 7.72
N VAL A 313 -19.14 9.12 8.61
CA VAL A 313 -19.05 9.67 9.98
C VAL A 313 -17.64 10.22 10.14
N PHE A 314 -17.52 11.41 10.72
CA PHE A 314 -16.19 11.96 11.01
C PHE A 314 -15.82 11.63 12.42
N ILE A 315 -14.54 11.32 12.60
CA ILE A 315 -13.98 11.00 13.92
C ILE A 315 -12.78 11.86 14.26
N GLY A 316 -13.03 12.83 15.12
CA GLY A 316 -11.96 13.72 15.60
C GLY A 316 -11.25 13.23 16.84
N SER A 317 -10.49 14.15 17.42
CA SER A 317 -9.65 13.87 18.57
C SER A 317 -10.43 13.86 19.86
N LYS A 318 -9.92 13.06 20.78
CA LYS A 318 -10.39 13.04 22.17
C LYS A 318 -10.51 14.48 22.65
N GLU A 319 -9.50 15.26 22.30
CA GLU A 319 -9.39 16.67 22.75
C GLU A 319 -10.51 17.52 22.14
N SER A 320 -11.10 17.02 21.09
CA SER A 320 -12.17 17.72 20.37
C SER A 320 -13.54 17.21 20.72
N GLY A 321 -13.56 16.27 21.65
CA GLY A 321 -14.82 15.83 22.24
C GLY A 321 -15.28 14.48 21.76
N TYR A 322 -14.36 13.76 21.15
CA TYR A 322 -14.64 12.39 20.67
C TYR A 322 -14.17 11.31 21.64
N THR A 323 -15.10 10.45 21.97
CA THR A 323 -14.82 9.25 22.77
C THR A 323 -15.33 7.96 22.16
N VAL A 324 -14.51 6.94 22.27
CA VAL A 324 -14.87 5.58 21.88
C VAL A 324 -15.16 4.77 23.13
N LEU A 325 -16.37 4.22 23.16
CA LEU A 325 -16.83 3.37 24.29
C LEU A 325 -17.27 2.00 23.86
N HIS A 326 -17.01 1.04 24.72
CA HIS A 326 -17.49 -0.33 24.52
C HIS A 326 -18.97 -0.46 24.86
N GLY A 327 -19.58 -1.39 24.18
CA GLY A 327 -20.97 -1.73 24.41
C GLY A 327 -21.95 -0.71 23.93
N PHE A 328 -23.19 -1.12 24.16
CA PHE A 328 -24.38 -0.35 23.81
C PHE A 328 -24.87 0.49 25.01
N PRO A 329 -25.49 1.63 24.74
CA PRO A 329 -26.07 2.38 25.84
C PRO A 329 -27.27 1.65 26.43
N PRO A 330 -27.58 1.94 27.70
CA PRO A 330 -28.80 1.39 28.28
C PRO A 330 -30.00 1.72 27.44
N SER A 331 -30.83 0.71 27.30
CA SER A 331 -32.11 0.81 26.60
C SER A 331 -31.85 1.06 25.14
N THR A 332 -30.99 0.20 24.62
CA THR A 332 -30.81 0.02 23.18
C THR A 332 -31.67 -1.16 22.78
N GLN A 333 -32.43 -0.98 21.73
CA GLN A 333 -33.42 -1.97 21.34
C GLN A 333 -33.25 -2.43 19.90
N GLY A 334 -33.40 -3.74 19.78
CA GLY A 334 -33.26 -4.45 18.52
C GLY A 334 -32.49 -5.74 18.60
N HIS A 335 -32.70 -6.49 17.54
CA HIS A 335 -31.82 -7.60 17.17
C HIS A 335 -30.55 -7.02 16.55
N HIS A 336 -29.44 -7.35 17.15
CA HIS A 336 -28.17 -6.95 16.59
C HIS A 336 -27.11 -7.96 16.88
N TRP A 337 -25.96 -7.73 16.30
CA TRP A 337 -24.74 -8.45 16.65
C TRP A 337 -24.36 -8.10 18.10
N PRO A 338 -23.73 -9.03 18.80
CA PRO A 338 -23.51 -9.00 20.25
C PRO A 338 -22.64 -7.89 20.79
N HIS A 339 -21.63 -7.52 20.03
CA HIS A 339 -20.54 -6.68 20.54
C HIS A 339 -20.60 -5.25 20.05
N GLY A 340 -21.09 -4.40 20.93
CA GLY A 340 -21.33 -2.99 20.64
C GLY A 340 -20.14 -2.04 20.79
N ILE A 341 -20.18 -1.04 19.97
CA ILE A 341 -19.30 0.11 20.09
C ILE A 341 -20.13 1.38 19.99
N THR A 342 -19.91 2.28 20.93
CA THR A 342 -20.49 3.63 20.91
C THR A 342 -19.41 4.69 20.72
N ILE A 343 -19.65 5.56 19.76
CA ILE A 343 -18.81 6.72 19.53
C ILE A 343 -19.56 7.99 19.86
N VAL A 344 -19.01 8.67 20.84
CA VAL A 344 -19.53 9.95 21.31
C VAL A 344 -18.79 11.08 20.62
N THR A 345 -19.58 11.96 20.02
CA THR A 345 -19.09 13.15 19.34
C THR A 345 -19.65 14.36 20.10
N PRO A 346 -19.12 15.57 19.85
CA PRO A 346 -19.62 16.74 20.59
C PRO A 346 -21.13 16.95 20.41
N ASP A 347 -21.63 16.37 19.32
CA ASP A 347 -22.98 16.66 18.83
C ASP A 347 -23.91 15.46 18.87
N ARG A 348 -23.31 14.29 18.76
CA ARG A 348 -24.08 13.06 18.53
C ARG A 348 -23.52 11.85 19.21
N LYS A 349 -24.29 10.79 19.04
CA LYS A 349 -23.91 9.44 19.40
C LYS A 349 -24.09 8.48 18.21
N PHE A 350 -23.09 7.63 18.03
CA PHE A 350 -23.10 6.61 16.96
C PHE A 350 -22.86 5.23 17.52
N LEU A 351 -23.81 4.37 17.22
CA LEU A 351 -23.85 2.98 17.69
C LEU A 351 -23.58 1.96 16.58
N PHE A 352 -22.67 1.05 16.90
CA PHE A 352 -22.29 -0.06 16.02
C PHE A 352 -22.31 -1.38 16.75
N ALA A 353 -22.65 -2.40 16.00
CA ALA A 353 -22.65 -3.77 16.47
C ALA A 353 -21.76 -4.67 15.60
N CYS A 354 -20.81 -5.30 16.28
CA CYS A 354 -19.84 -6.21 15.68
C CYS A 354 -20.18 -7.65 15.98
N GLU A 355 -19.89 -8.48 15.01
CA GLU A 355 -20.24 -9.90 15.05
C GLU A 355 -19.49 -10.66 16.12
N THR A 356 -18.25 -10.27 16.27
CA THR A 356 -17.32 -10.97 17.14
C THR A 356 -16.56 -10.01 18.00
N GLU A 357 -15.85 -10.55 18.98
CA GLU A 357 -15.12 -9.73 19.95
C GLU A 357 -13.85 -9.16 19.36
N SER A 358 -13.23 -9.97 18.51
CA SER A 358 -11.99 -9.56 17.85
C SER A 358 -12.31 -8.49 16.81
N ASP A 359 -13.50 -8.57 16.24
CA ASP A 359 -13.99 -7.53 15.34
C ASP A 359 -14.06 -6.26 16.14
N GLN A 360 -14.69 -6.41 17.27
CA GLN A 360 -14.97 -5.27 18.14
C GLN A 360 -13.66 -4.65 18.56
N ARG A 361 -12.75 -5.51 18.98
CA ARG A 361 -11.46 -5.05 19.51
C ARG A 361 -10.74 -4.29 18.42
N GLU A 362 -10.73 -4.91 17.26
CA GLU A 362 -10.14 -4.29 16.06
C GLU A 362 -10.71 -2.92 15.69
N TRP A 363 -12.02 -2.81 15.69
CA TRP A 363 -12.70 -1.55 15.37
C TRP A 363 -12.45 -0.52 16.44
N VAL A 364 -12.43 -0.97 17.67
CA VAL A 364 -12.26 -0.08 18.81
C VAL A 364 -10.93 0.64 18.68
N ALA A 365 -9.94 -0.15 18.29
CA ALA A 365 -8.56 0.29 18.16
C ALA A 365 -8.39 1.26 17.01
N ALA A 366 -9.09 1.01 15.91
CA ALA A 366 -8.98 1.85 14.72
C ALA A 366 -9.58 3.21 15.10
N PHE A 367 -10.69 3.15 15.81
CA PHE A 367 -11.39 4.38 16.20
C PHE A 367 -10.52 5.19 17.12
N GLN A 368 -9.81 4.46 17.97
CA GLN A 368 -8.97 5.04 19.03
C GLN A 368 -7.75 5.69 18.44
N LYS A 369 -7.36 5.18 17.29
CA LYS A 369 -6.20 5.73 16.58
C LYS A 369 -6.53 7.14 16.17
N ALA A 370 -7.77 7.34 15.79
CA ALA A 370 -8.21 8.66 15.33
C ALA A 370 -8.41 9.56 16.56
N VAL A 371 -8.95 8.95 17.60
CA VAL A 371 -9.23 9.68 18.83
C VAL A 371 -7.93 10.21 19.45
N ASP A 372 -6.93 9.36 19.45
CA ASP A 372 -5.63 9.62 20.12
C ASP A 372 -4.71 10.55 19.35
N ARG A 373 -5.04 10.77 18.10
CA ARG A 373 -4.24 11.60 17.21
C ARG A 373 -4.79 13.03 17.23
N PRO A 374 -3.95 14.03 17.52
CA PRO A 374 -4.48 15.38 17.66
C PRO A 374 -4.87 15.95 16.32
N MET A 375 -5.82 16.87 16.39
CA MET A 375 -6.34 17.59 15.21
C MET A 375 -5.33 18.61 14.71
ZN ZN B . 12.31 -8.85 2.78
UNK UNX C . 37.03 -21.44 -1.55
UNK UNX D . -21.47 -4.67 -5.98
#